data_8FMU
#
_entry.id   8FMU
#
_cell.length_a   58.892
_cell.length_b   70.294
_cell.length_c   81.874
_cell.angle_alpha   90.00
_cell.angle_beta   90.00
_cell.angle_gamma   90.00
#
_symmetry.space_group_name_H-M   'P 21 21 21'
#
loop_
_entity.id
_entity.type
_entity.pdbx_description
1 polymer 'T-box transcription factor T'
2 non-polymer N-(3-chloro-4-fluorophenyl)-3-[4-(dimethylamino)butanamido]-4-methoxybenzamide
3 water water
#
_entity_poly.entity_id   1
_entity_poly.type   'polypeptide(L)'
_entity_poly.pdbx_seq_one_letter_code
;MGELRVGLEESELWLRFKELTNEMIVTKNGRRMFPVLKVNVSGLDPNAMYSFLLDFVAADNHRWKYVNGEWVPGGKPEPQ
APSCVYIHPDSPNFGAHWMKAPVSFSKVKLTNKLNGGGQIMLNSLHKYEPRIHIVRVGDPQRMITSHCFPETQFIAVTAY
QNEEITALKIKYNPFAKAFLDAKERSHHHHHH
;
_entity_poly.pdbx_strand_id   A,B
#
loop_
_chem_comp.id
_chem_comp.type
_chem_comp.name
_chem_comp.formula
Y3T non-polymer N-(3-chloro-4-fluorophenyl)-3-[4-(dimethylamino)butanamido]-4-methoxybenzamide 'C20 H23 Cl F N3 O3'
#
# COMPACT_ATOMS: atom_id res chain seq x y z
N GLU A 3 -12.87 -20.18 -13.03
CA GLU A 3 -12.55 -20.09 -11.61
C GLU A 3 -11.13 -19.58 -11.41
N LEU A 4 -10.88 -18.96 -10.25
CA LEU A 4 -9.56 -18.40 -9.97
C LEU A 4 -8.54 -19.51 -9.80
N ARG A 5 -7.37 -19.33 -10.41
CA ARG A 5 -6.26 -20.25 -10.29
C ARG A 5 -4.96 -19.46 -10.28
N VAL A 6 -4.21 -19.57 -9.18
CA VAL A 6 -2.94 -18.90 -9.00
C VAL A 6 -1.91 -19.98 -8.67
N GLY A 7 -1.06 -20.30 -9.64
CA GLY A 7 -0.09 -21.38 -9.51
C GLY A 7 1.32 -20.87 -9.40
N LEU A 8 2.15 -21.60 -8.66
CA LEU A 8 3.54 -21.22 -8.46
C LEU A 8 4.37 -21.70 -9.65
N GLU A 9 5.02 -20.78 -10.35
CA GLU A 9 5.94 -21.14 -11.43
C GLU A 9 7.23 -21.67 -10.85
N GLU A 10 7.80 -22.69 -11.52
CA GLU A 10 9.02 -23.35 -11.07
C GLU A 10 8.83 -23.99 -9.69
N SER A 11 7.66 -24.62 -9.49
CA SER A 11 7.36 -25.25 -8.21
C SER A 11 8.33 -26.37 -7.87
N GLU A 12 8.89 -27.03 -8.89
CA GLU A 12 9.82 -28.13 -8.63
C GLU A 12 11.15 -27.62 -8.06
N LEU A 13 11.65 -26.51 -8.59
CA LEU A 13 12.87 -25.91 -8.03
C LEU A 13 12.62 -25.38 -6.62
N TRP A 14 11.46 -24.75 -6.41
CA TRP A 14 11.08 -24.33 -5.06
C TRP A 14 11.06 -25.52 -4.11
N LEU A 15 10.53 -26.66 -4.56
CA LEU A 15 10.52 -27.85 -3.72
C LEU A 15 11.93 -28.36 -3.47
N ARG A 16 12.79 -28.29 -4.48
CA ARG A 16 14.19 -28.64 -4.31
C ARG A 16 14.81 -27.85 -3.16
N PHE A 17 14.52 -26.55 -3.10
CA PHE A 17 15.04 -25.75 -1.99
C PHE A 17 14.32 -26.07 -0.68
N LYS A 18 13.02 -26.34 -0.74
CA LYS A 18 12.23 -26.56 0.46
C LYS A 18 12.65 -27.84 1.19
N GLU A 19 12.99 -28.89 0.45
CA GLU A 19 13.37 -30.15 1.08
C GLU A 19 14.64 -30.04 1.91
N LEU A 20 15.45 -29.00 1.69
CA LEU A 20 16.66 -28.79 2.48
C LEU A 20 16.50 -27.66 3.49
N THR A 21 15.29 -27.13 3.66
CA THR A 21 15.02 -25.89 4.36
C THR A 21 15.69 -24.73 3.65
N ASN A 22 14.90 -23.96 2.89
CA ASN A 22 15.43 -22.85 2.12
C ASN A 22 15.92 -21.72 3.02
N GLU A 23 16.92 -21.00 2.54
CA GLU A 23 17.49 -19.85 3.24
C GLU A 23 17.53 -18.67 2.29
N MET A 24 17.27 -17.47 2.82
CA MET A 24 17.39 -16.23 2.06
C MET A 24 18.28 -15.27 2.82
N ILE A 25 19.27 -14.72 2.14
CA ILE A 25 20.19 -13.77 2.76
C ILE A 25 19.48 -12.45 3.01
N VAL A 26 19.63 -11.92 4.21
CA VAL A 26 19.17 -10.58 4.56
C VAL A 26 20.38 -9.74 4.92
N THR A 27 20.48 -8.57 4.32
CA THR A 27 21.57 -7.63 4.55
C THR A 27 20.98 -6.27 4.89
N LYS A 28 21.85 -5.32 5.23
CA LYS A 28 21.37 -3.99 5.59
C LYS A 28 20.63 -3.33 4.44
N ASN A 29 21.15 -3.48 3.22
CA ASN A 29 20.54 -2.85 2.05
C ASN A 29 19.65 -3.79 1.26
N GLY A 30 19.79 -5.09 1.43
CA GLY A 30 18.81 -5.98 0.85
C GLY A 30 19.42 -6.91 -0.17
N ARG A 31 18.77 -8.07 -0.33
CA ARG A 31 19.15 -9.06 -1.33
C ARG A 31 17.88 -9.57 -1.99
N ARG A 32 17.95 -9.76 -3.30
CA ARG A 32 16.83 -10.32 -4.03
C ARG A 32 16.64 -11.80 -3.68
N MET A 33 15.39 -12.24 -3.77
CA MET A 33 15.04 -13.62 -3.45
C MET A 33 15.49 -14.56 -4.57
N PHE A 34 15.87 -15.78 -4.19
CA PHE A 34 16.03 -16.86 -5.14
C PHE A 34 15.50 -18.15 -4.52
N PRO A 35 14.64 -18.89 -5.22
CA PRO A 35 14.15 -18.58 -6.56
C PRO A 35 13.24 -17.36 -6.60
N VAL A 36 13.03 -16.79 -7.79
CA VAL A 36 12.15 -15.64 -7.93
C VAL A 36 10.70 -16.07 -7.78
N LEU A 37 9.95 -15.34 -6.98
CA LEU A 37 8.51 -15.60 -6.81
C LEU A 37 7.77 -15.22 -8.08
N LYS A 38 7.26 -16.23 -8.80
CA LYS A 38 6.50 -16.03 -10.03
C LYS A 38 5.22 -16.84 -9.95
N VAL A 39 4.11 -16.26 -10.41
CA VAL A 39 2.82 -16.91 -10.35
C VAL A 39 2.12 -16.81 -11.70
N ASN A 40 1.48 -17.90 -12.11
CA ASN A 40 0.57 -17.92 -13.24
C ASN A 40 -0.85 -17.71 -12.74
N VAL A 41 -1.54 -16.72 -13.32
CA VAL A 41 -2.87 -16.33 -12.86
C VAL A 41 -3.87 -16.56 -13.98
N SER A 42 -5.02 -17.14 -13.63
CA SER A 42 -6.14 -17.23 -14.55
C SER A 42 -7.43 -17.18 -13.73
N GLY A 43 -8.53 -16.91 -14.43
CA GLY A 43 -9.83 -16.87 -13.79
C GLY A 43 -10.23 -15.52 -13.22
N LEU A 44 -9.40 -14.50 -13.37
CA LEU A 44 -9.81 -13.15 -13.00
C LEU A 44 -10.79 -12.59 -14.02
N ASP A 45 -11.50 -11.55 -13.60
CA ASP A 45 -12.27 -10.76 -14.56
C ASP A 45 -11.29 -9.98 -15.42
N PRO A 46 -11.20 -10.25 -16.72
CA PRO A 46 -10.18 -9.57 -17.54
C PRO A 46 -10.34 -8.07 -17.60
N ASN A 47 -11.53 -7.54 -17.32
CA ASN A 47 -11.80 -6.11 -17.42
C ASN A 47 -11.80 -5.42 -16.06
N ALA A 48 -11.65 -6.16 -14.97
CA ALA A 48 -11.58 -5.55 -13.66
C ALA A 48 -10.16 -5.08 -13.35
N MET A 49 -10.05 -4.13 -12.43
CA MET A 49 -8.77 -3.56 -12.03
C MET A 49 -8.29 -4.23 -10.74
N TYR A 50 -7.04 -4.70 -10.75
CA TYR A 50 -6.46 -5.38 -9.61
C TYR A 50 -5.07 -4.83 -9.30
N SER A 51 -4.69 -4.99 -8.03
CA SER A 51 -3.33 -4.75 -7.57
C SER A 51 -2.78 -6.02 -6.92
N PHE A 52 -1.54 -6.34 -7.26
CA PHE A 52 -0.82 -7.48 -6.69
C PHE A 52 0.13 -6.95 -5.63
N LEU A 53 -0.03 -7.42 -4.39
CA LEU A 53 0.83 -7.03 -3.29
C LEU A 53 1.54 -8.25 -2.74
N LEU A 54 2.68 -8.02 -2.09
CA LEU A 54 3.46 -9.09 -1.50
C LEU A 54 3.93 -8.66 -0.11
N ASP A 55 3.66 -9.50 0.88
CA ASP A 55 4.26 -9.28 2.20
C ASP A 55 4.80 -10.59 2.75
N PHE A 56 5.28 -10.61 4.00
CA PHE A 56 5.90 -11.81 4.53
C PHE A 56 5.36 -12.09 5.92
N VAL A 57 4.91 -13.32 6.15
CA VAL A 57 4.32 -13.71 7.43
C VAL A 57 5.22 -14.76 8.07
N ALA A 58 5.48 -14.60 9.36
CA ALA A 58 6.32 -15.54 10.08
C ALA A 58 5.61 -16.88 10.19
N ALA A 59 6.29 -17.96 9.79
CA ALA A 59 5.73 -19.29 9.91
C ALA A 59 5.62 -19.73 11.36
N ASP A 60 6.47 -19.19 12.24
CA ASP A 60 6.37 -19.44 13.67
C ASP A 60 7.14 -18.33 14.39
N ASN A 61 6.99 -18.29 15.71
CA ASN A 61 7.53 -17.21 16.52
C ASN A 61 8.89 -17.55 17.14
N HIS A 62 9.51 -18.65 16.72
CA HIS A 62 10.78 -19.08 17.30
C HIS A 62 11.96 -18.52 16.53
N ARG A 63 13.11 -18.48 17.19
CA ARG A 63 14.39 -18.21 16.56
C ARG A 63 15.07 -19.54 16.27
N TRP A 64 15.54 -19.71 15.04
CA TRP A 64 16.12 -20.96 14.58
C TRP A 64 17.63 -20.87 14.51
N LYS A 65 18.29 -22.01 14.70
CA LYS A 65 19.74 -22.08 14.57
C LYS A 65 20.14 -23.39 13.91
N TYR A 66 21.22 -23.33 13.15
CA TYR A 66 21.73 -24.47 12.40
C TYR A 66 22.90 -25.08 13.17
N VAL A 67 22.68 -26.24 13.77
CA VAL A 67 23.70 -26.92 14.55
C VAL A 67 23.75 -28.39 14.13
N ASN A 68 24.96 -28.94 14.05
CA ASN A 68 25.17 -30.35 13.71
C ASN A 68 24.46 -30.73 12.41
N GLY A 69 24.45 -29.79 11.47
CA GLY A 69 23.83 -30.04 10.17
C GLY A 69 22.33 -30.07 10.17
N GLU A 70 21.68 -29.49 11.18
CA GLU A 70 20.22 -29.50 11.26
C GLU A 70 19.71 -28.17 11.80
N TRP A 71 18.56 -27.75 11.30
CA TRP A 71 17.88 -26.58 11.82
C TRP A 71 17.05 -26.96 13.03
N VAL A 72 17.20 -26.21 14.12
CA VAL A 72 16.43 -26.46 15.35
C VAL A 72 15.89 -25.13 15.87
N PRO A 73 14.68 -25.11 16.41
CA PRO A 73 14.12 -23.88 16.98
C PRO A 73 14.51 -23.70 18.44
N GLY A 74 14.33 -22.47 18.90
CA GLY A 74 14.53 -22.16 20.31
C GLY A 74 13.31 -22.48 21.14
N GLY A 75 13.39 -22.15 22.42
CA GLY A 75 12.31 -22.39 23.35
C GLY A 75 11.77 -21.14 24.00
N LYS A 76 11.99 -20.00 23.35
CA LYS A 76 11.56 -18.69 23.87
C LYS A 76 11.00 -17.86 22.73
N PRO A 77 9.81 -18.19 22.25
CA PRO A 77 9.24 -17.46 21.11
C PRO A 77 8.82 -16.06 21.48
N GLU A 78 8.79 -15.19 20.47
CA GLU A 78 8.43 -13.80 20.62
C GLU A 78 7.40 -13.41 19.58
N PRO A 79 6.47 -12.51 19.91
CA PRO A 79 5.53 -12.01 18.89
C PRO A 79 6.28 -11.26 17.79
N GLN A 80 5.84 -11.47 16.55
CA GLN A 80 6.50 -10.90 15.39
C GLN A 80 5.72 -9.70 14.86
N ALA A 81 6.45 -8.71 14.37
CA ALA A 81 5.83 -7.50 13.85
C ALA A 81 5.40 -7.70 12.40
N PRO A 82 4.35 -7.00 11.96
CA PRO A 82 3.92 -7.15 10.56
C PRO A 82 4.96 -6.58 9.61
N SER A 83 5.15 -7.27 8.49
CA SER A 83 6.14 -6.83 7.52
C SER A 83 5.59 -5.68 6.67
N CYS A 84 6.51 -4.94 6.06
CA CYS A 84 6.13 -3.95 5.06
C CYS A 84 5.50 -4.63 3.86
N VAL A 85 4.68 -3.89 3.13
CA VAL A 85 3.95 -4.42 1.98
C VAL A 85 4.61 -3.91 0.71
N TYR A 86 4.96 -4.84 -0.18
CA TYR A 86 5.54 -4.51 -1.48
C TYR A 86 4.46 -4.58 -2.55
N ILE A 87 4.43 -3.58 -3.42
CA ILE A 87 3.47 -3.53 -4.52
C ILE A 87 4.17 -3.89 -5.82
N HIS A 88 3.53 -4.74 -6.62
CA HIS A 88 4.10 -5.07 -7.92
C HIS A 88 4.10 -3.83 -8.80
N PRO A 89 5.20 -3.54 -9.51
CA PRO A 89 5.29 -2.28 -10.24
C PRO A 89 4.27 -2.13 -11.36
N ASP A 90 3.59 -3.21 -11.77
CA ASP A 90 2.56 -3.10 -12.79
C ASP A 90 1.19 -2.70 -12.23
N SER A 91 1.06 -2.61 -10.91
CA SER A 91 -0.20 -2.27 -10.27
C SER A 91 -0.46 -0.76 -10.33
N PRO A 92 -1.74 -0.35 -10.48
CA PRO A 92 -2.88 -1.25 -10.71
C PRO A 92 -3.02 -1.57 -12.19
N ASN A 93 -3.59 -2.73 -12.52
CA ASN A 93 -3.74 -3.12 -13.91
C ASN A 93 -4.94 -4.03 -14.05
N PHE A 94 -5.35 -4.24 -15.31
CA PHE A 94 -6.52 -5.04 -15.60
C PHE A 94 -6.20 -6.53 -15.51
N GLY A 95 -7.25 -7.32 -15.29
CA GLY A 95 -7.09 -8.77 -15.22
C GLY A 95 -6.42 -9.33 -16.46
N ALA A 96 -6.77 -8.80 -17.64
CA ALA A 96 -6.16 -9.28 -18.88
C ALA A 96 -4.65 -9.11 -18.87
N HIS A 97 -4.15 -8.07 -18.21
CA HIS A 97 -2.71 -7.87 -18.12
C HIS A 97 -2.07 -8.89 -17.19
N TRP A 98 -2.69 -9.15 -16.03
CA TRP A 98 -2.10 -10.07 -15.07
C TRP A 98 -2.10 -11.51 -15.58
N MET A 99 -3.07 -11.87 -16.42
CA MET A 99 -3.19 -13.22 -16.93
C MET A 99 -2.38 -13.45 -18.20
N LYS A 100 -1.83 -12.39 -18.81
CA LYS A 100 -1.15 -12.55 -20.09
C LYS A 100 0.17 -13.29 -19.96
N ALA A 101 0.85 -13.16 -18.83
CA ALA A 101 2.17 -13.72 -18.64
C ALA A 101 2.41 -13.91 -17.15
N PRO A 102 3.41 -14.71 -16.76
CA PRO A 102 3.70 -14.88 -15.33
C PRO A 102 3.97 -13.54 -14.66
N VAL A 103 3.42 -13.40 -13.45
CA VAL A 103 3.60 -12.20 -12.64
C VAL A 103 4.79 -12.43 -11.72
N SER A 104 5.87 -11.69 -11.95
CA SER A 104 7.13 -11.90 -11.26
C SER A 104 7.37 -10.83 -10.20
N PHE A 105 7.84 -11.25 -9.03
CA PHE A 105 8.20 -10.33 -7.96
C PHE A 105 9.71 -10.30 -7.80
N SER A 106 10.44 -10.14 -8.91
CA SER A 106 11.89 -10.28 -8.90
C SER A 106 12.62 -9.11 -8.26
N LYS A 107 11.97 -7.97 -8.10
CA LYS A 107 12.65 -6.76 -7.65
C LYS A 107 12.67 -6.59 -6.13
N VAL A 108 11.84 -7.33 -5.39
CA VAL A 108 11.80 -7.15 -3.94
C VAL A 108 13.12 -7.59 -3.34
N LYS A 109 13.57 -6.86 -2.32
CA LYS A 109 14.85 -7.13 -1.66
C LYS A 109 14.60 -7.31 -0.17
N LEU A 110 15.06 -8.43 0.39
CA LEU A 110 14.88 -8.73 1.80
C LEU A 110 16.06 -8.20 2.60
N THR A 111 15.76 -7.44 3.65
CA THR A 111 16.78 -6.77 4.45
C THR A 111 16.59 -7.12 5.92
N ASN A 112 17.58 -6.74 6.73
CA ASN A 112 17.46 -6.76 8.18
C ASN A 112 17.48 -5.34 8.76
N LYS A 113 17.20 -4.33 7.94
CA LYS A 113 17.21 -2.95 8.39
C LYS A 113 16.35 -2.07 7.49
N LEU A 114 16.80 -1.88 6.25
CA LEU A 114 16.13 -0.95 5.35
C LEU A 114 14.73 -1.45 5.01
N ASN A 115 13.76 -0.53 5.07
CA ASN A 115 12.35 -0.89 4.99
C ASN A 115 11.64 0.14 4.13
N GLY A 116 11.13 -0.29 2.98
CA GLY A 116 10.38 0.58 2.09
C GLY A 116 11.11 0.83 0.77
N GLY A 117 10.34 1.29 -0.20
CA GLY A 117 10.91 1.60 -1.51
C GLY A 117 11.43 0.41 -2.27
N GLY A 118 10.85 -0.78 -2.06
CA GLY A 118 11.31 -2.00 -2.67
C GLY A 118 11.99 -2.96 -1.71
N GLN A 119 12.39 -2.47 -0.54
CA GLN A 119 13.03 -3.28 0.48
C GLN A 119 12.03 -3.67 1.57
N ILE A 120 12.14 -4.89 2.06
CA ILE A 120 11.27 -5.41 3.12
C ILE A 120 12.15 -5.94 4.24
N MET A 121 12.00 -5.39 5.43
CA MET A 121 12.83 -5.81 6.55
C MET A 121 12.24 -7.05 7.21
N LEU A 122 13.11 -8.04 7.45
CA LEU A 122 12.74 -9.27 8.12
C LEU A 122 13.59 -9.46 9.37
N ASN A 123 13.13 -10.34 10.26
CA ASN A 123 13.86 -10.68 11.48
C ASN A 123 14.77 -11.85 11.18
N SER A 124 16.07 -11.66 11.41
CA SER A 124 17.05 -12.70 11.09
C SER A 124 16.79 -13.97 11.90
N LEU A 125 17.13 -15.10 11.28
CA LEU A 125 16.99 -16.43 11.91
C LEU A 125 15.54 -16.74 12.30
N HIS A 126 14.58 -16.18 11.56
CA HIS A 126 13.19 -16.51 11.73
C HIS A 126 12.63 -17.07 10.43
N LYS A 127 11.64 -17.95 10.54
CA LYS A 127 11.06 -18.62 9.39
C LYS A 127 9.92 -17.80 8.83
N TYR A 128 9.86 -17.72 7.50
CA TYR A 128 8.89 -16.85 6.84
C TYR A 128 8.25 -17.57 5.66
N GLU A 129 7.05 -17.11 5.32
CA GLU A 129 6.37 -17.44 4.09
C GLU A 129 6.03 -16.17 3.35
N PRO A 130 6.37 -16.07 2.06
CA PRO A 130 5.82 -14.98 1.25
C PRO A 130 4.32 -15.14 1.11
N ARG A 131 3.61 -14.01 1.14
CA ARG A 131 2.16 -14.00 1.09
C ARG A 131 1.73 -13.03 0.01
N ILE A 132 1.06 -13.56 -1.01
CA ILE A 132 0.61 -12.78 -2.17
C ILE A 132 -0.84 -12.38 -1.95
N HIS A 133 -1.15 -11.12 -2.23
CA HIS A 133 -2.49 -10.58 -2.14
C HIS A 133 -2.92 -10.06 -3.51
N ILE A 134 -4.07 -10.53 -3.98
CA ILE A 134 -4.75 -9.95 -5.13
C ILE A 134 -5.92 -9.15 -4.58
N VAL A 135 -5.92 -7.84 -4.83
CA VAL A 135 -6.95 -6.94 -4.36
C VAL A 135 -7.61 -6.29 -5.56
N ARG A 136 -8.93 -6.25 -5.59
CA ARG A 136 -9.64 -5.52 -6.63
C ARG A 136 -9.70 -4.04 -6.25
N VAL A 137 -9.35 -3.17 -7.19
CA VAL A 137 -9.12 -1.76 -6.93
C VAL A 137 -10.33 -0.93 -7.36
N GLY A 138 -11.00 -1.34 -8.44
CA GLY A 138 -12.22 -0.69 -8.86
C GLY A 138 -13.44 -1.34 -8.22
N ASP A 139 -14.63 -0.83 -8.62
CA ASP A 139 -15.90 -1.43 -8.25
C ASP A 139 -16.01 -1.44 -6.71
N PRO A 140 -16.75 -2.37 -6.05
CA PRO A 140 -16.49 -2.52 -4.60
C PRO A 140 -15.13 -3.15 -4.33
N GLN A 141 -14.21 -2.34 -3.82
CA GLN A 141 -12.88 -2.82 -3.52
C GLN A 141 -12.95 -3.97 -2.52
N ARG A 142 -12.26 -5.07 -2.82
CA ARG A 142 -12.32 -6.24 -1.97
C ARG A 142 -11.07 -7.08 -2.20
N MET A 143 -10.69 -7.81 -1.16
CA MET A 143 -9.59 -8.76 -1.27
C MET A 143 -10.03 -9.96 -2.09
N ILE A 144 -9.39 -10.15 -3.25
CA ILE A 144 -9.68 -11.34 -4.04
C ILE A 144 -9.04 -12.56 -3.39
N THR A 145 -7.75 -12.48 -3.07
CA THR A 145 -7.12 -13.62 -2.42
C THR A 145 -5.90 -13.17 -1.62
N SER A 146 -5.60 -13.96 -0.59
CA SER A 146 -4.36 -13.84 0.18
C SER A 146 -3.85 -15.26 0.40
N HIS A 147 -2.68 -15.58 -0.16
CA HIS A 147 -2.23 -16.96 -0.19
C HIS A 147 -0.72 -17.07 0.07
N CYS A 148 -0.34 -18.11 0.81
CA CYS A 148 1.05 -18.50 1.00
C CYS A 148 1.26 -19.87 0.40
N PHE A 149 2.27 -19.98 -0.48
CA PHE A 149 2.62 -21.26 -1.05
C PHE A 149 3.59 -21.98 -0.12
N PRO A 150 3.26 -23.21 0.34
CA PRO A 150 4.14 -23.88 1.31
C PRO A 150 5.53 -24.16 0.77
N GLU A 151 5.68 -24.31 -0.54
CA GLU A 151 6.99 -24.58 -1.12
C GLU A 151 7.94 -23.39 -1.02
N THR A 152 7.42 -22.19 -0.74
CA THR A 152 8.23 -20.99 -0.72
C THR A 152 8.69 -20.61 0.68
N GLN A 153 8.46 -21.47 1.67
CA GLN A 153 8.90 -21.18 3.03
C GLN A 153 10.42 -21.12 3.10
N PHE A 154 10.94 -20.22 3.92
CA PHE A 154 12.38 -20.03 4.04
C PHE A 154 12.73 -19.48 5.42
N ILE A 155 14.03 -19.54 5.74
CA ILE A 155 14.59 -18.94 6.94
C ILE A 155 15.49 -17.80 6.53
N ALA A 156 15.29 -16.62 7.12
CA ALA A 156 16.15 -15.48 6.84
C ALA A 156 17.47 -15.63 7.59
N VAL A 157 18.58 -15.51 6.87
CA VAL A 157 19.91 -15.68 7.45
C VAL A 157 20.80 -14.53 7.02
N THR A 158 21.80 -14.23 7.85
CA THR A 158 22.84 -13.28 7.46
C THR A 158 23.91 -13.94 6.62
N ALA A 159 23.97 -15.27 6.62
CA ALA A 159 24.90 -16.03 5.80
C ALA A 159 24.36 -17.45 5.70
N TYR A 160 24.61 -18.09 4.56
CA TYR A 160 24.11 -19.44 4.33
C TYR A 160 24.74 -20.40 5.33
N GLN A 161 23.91 -21.21 5.97
CA GLN A 161 24.35 -22.20 6.94
C GLN A 161 24.49 -23.60 6.34
N ASN A 162 23.48 -24.05 5.60
CA ASN A 162 23.53 -25.36 4.96
C ASN A 162 24.33 -25.27 3.67
N GLU A 163 25.41 -26.05 3.57
CA GLU A 163 26.27 -26.00 2.40
C GLU A 163 25.56 -26.53 1.16
N GLU A 164 24.60 -27.44 1.33
CA GLU A 164 23.79 -27.87 0.19
C GLU A 164 22.97 -26.72 -0.36
N ILE A 165 22.46 -25.85 0.51
CA ILE A 165 21.74 -24.67 0.07
C ILE A 165 22.66 -23.75 -0.73
N THR A 166 23.89 -23.56 -0.24
CA THR A 166 24.86 -22.72 -0.96
C THR A 166 25.13 -23.29 -2.34
N ALA A 167 25.34 -24.62 -2.42
CA ALA A 167 25.57 -25.25 -3.71
C ALA A 167 24.39 -25.03 -4.65
N LEU A 168 23.16 -25.16 -4.14
CA LEU A 168 21.99 -24.96 -4.99
C LEU A 168 21.90 -23.52 -5.49
N LYS A 169 22.09 -22.55 -4.60
CA LYS A 169 22.04 -21.15 -4.99
C LYS A 169 23.08 -20.86 -6.07
N ILE A 170 24.30 -21.38 -5.91
CA ILE A 170 25.33 -21.15 -6.91
C ILE A 170 24.98 -21.81 -8.23
N LYS A 171 24.40 -23.02 -8.17
CA LYS A 171 24.08 -23.74 -9.41
C LYS A 171 23.00 -23.02 -10.21
N TYR A 172 21.93 -22.57 -9.54
CA TYR A 172 20.77 -22.09 -10.28
C TYR A 172 20.65 -20.57 -10.32
N ASN A 173 21.41 -19.84 -9.53
CA ASN A 173 21.39 -18.38 -9.56
C ASN A 173 22.77 -17.85 -9.89
N PRO A 174 22.92 -17.03 -10.94
CA PRO A 174 24.27 -16.52 -11.28
C PRO A 174 24.87 -15.62 -10.22
N PHE A 175 24.07 -14.99 -9.37
CA PHE A 175 24.58 -14.11 -8.33
C PHE A 175 25.41 -14.88 -7.31
N GLU B 3 -19.13 -0.50 17.28
CA GLU B 3 -19.69 0.73 16.72
C GLU B 3 -18.61 1.62 16.12
N LEU B 4 -18.10 1.22 14.95
CA LEU B 4 -17.06 1.99 14.28
C LEU B 4 -17.63 3.32 13.79
N ARG B 5 -17.01 4.42 14.20
CA ARG B 5 -17.43 5.75 13.81
C ARG B 5 -16.21 6.54 13.32
N VAL B 6 -16.33 7.13 12.15
CA VAL B 6 -15.28 7.99 11.58
C VAL B 6 -15.93 9.30 11.19
N GLY B 7 -15.49 10.39 11.83
CA GLY B 7 -16.10 11.68 11.62
C GLY B 7 -15.07 12.71 11.21
N LEU B 8 -15.53 13.68 10.41
CA LEU B 8 -14.67 14.74 9.92
C LEU B 8 -14.47 15.82 10.98
N GLU B 9 -13.26 16.36 11.04
CA GLU B 9 -12.93 17.48 11.93
C GLU B 9 -12.45 18.64 11.06
N GLU B 10 -13.31 19.62 10.85
CA GLU B 10 -13.02 20.77 10.01
C GLU B 10 -12.79 22.01 10.86
N SER B 11 -11.96 22.91 10.35
CA SER B 11 -11.63 24.14 11.07
C SER B 11 -12.74 25.18 10.92
N GLU B 12 -12.90 26.00 11.96
CA GLU B 12 -14.00 26.96 12.01
C GLU B 12 -13.86 28.04 10.95
N LEU B 13 -12.64 28.54 10.73
CA LEU B 13 -12.43 29.56 9.72
C LEU B 13 -12.84 29.06 8.35
N TRP B 14 -12.52 27.80 8.03
CA TRP B 14 -12.95 27.24 6.75
C TRP B 14 -14.47 27.10 6.69
N LEU B 15 -15.09 26.68 7.78
CA LEU B 15 -16.55 26.55 7.81
C LEU B 15 -17.24 27.89 7.67
N ARG B 16 -16.58 28.99 8.02
CA ARG B 16 -17.21 30.30 7.87
C ARG B 16 -17.34 30.70 6.40
N PHE B 17 -16.63 30.04 5.50
CA PHE B 17 -16.74 30.33 4.07
C PHE B 17 -17.22 29.09 3.32
N LYS B 18 -18.32 28.49 3.78
CA LYS B 18 -18.81 27.26 3.19
C LYS B 18 -19.28 27.46 1.75
N GLU B 19 -19.70 28.68 1.40
CA GLU B 19 -20.22 28.93 0.06
C GLU B 19 -19.17 28.76 -1.02
N LEU B 20 -17.89 28.85 -0.67
CA LEU B 20 -16.83 28.74 -1.66
C LEU B 20 -16.56 27.29 -2.00
N THR B 21 -16.17 27.05 -3.26
CA THR B 21 -15.77 25.72 -3.71
C THR B 21 -14.28 25.55 -3.49
N ASN B 22 -13.91 24.48 -2.79
CA ASN B 22 -12.51 24.24 -2.47
C ASN B 22 -11.73 23.93 -3.74
N GLU B 23 -10.58 24.59 -3.89
CA GLU B 23 -9.65 24.33 -4.99
C GLU B 23 -8.32 23.89 -4.40
N MET B 24 -7.83 22.74 -4.84
CA MET B 24 -6.54 22.22 -4.37
C MET B 24 -5.50 22.36 -5.46
N ILE B 25 -4.37 22.98 -5.10
CA ILE B 25 -3.28 23.17 -6.06
C ILE B 25 -2.58 21.86 -6.29
N VAL B 26 -2.36 21.52 -7.57
CA VAL B 26 -1.53 20.40 -7.97
C VAL B 26 -0.37 20.95 -8.79
N THR B 27 0.86 20.70 -8.34
CA THR B 27 2.03 21.27 -8.98
C THR B 27 2.93 20.18 -9.56
N LYS B 28 3.81 20.65 -10.45
CA LYS B 28 4.93 19.85 -10.91
C LYS B 28 5.77 19.36 -9.74
N ASN B 29 6.10 20.28 -8.83
CA ASN B 29 6.88 19.91 -7.65
C ASN B 29 6.13 18.92 -6.77
N GLY B 30 4.82 19.08 -6.66
CA GLY B 30 4.05 18.38 -5.66
C GLY B 30 3.80 19.29 -4.47
N ARG B 31 2.54 19.48 -4.11
CA ARG B 31 2.16 20.44 -3.08
C ARG B 31 1.32 19.73 -2.03
N ARG B 32 1.75 19.81 -0.77
CA ARG B 32 1.03 19.15 0.30
C ARG B 32 -0.36 19.75 0.46
N MET B 33 -1.31 18.89 0.84
CA MET B 33 -2.73 19.24 0.86
C MET B 33 -3.08 20.03 2.11
N PHE B 34 -3.68 21.21 1.94
CA PHE B 34 -4.20 21.99 3.05
C PHE B 34 -5.43 22.76 2.58
N PRO B 35 -6.45 22.93 3.44
CA PRO B 35 -6.58 22.48 4.84
C PRO B 35 -6.49 20.96 4.99
N VAL B 36 -5.71 20.50 5.96
CA VAL B 36 -5.38 19.08 6.04
C VAL B 36 -6.59 18.28 6.50
N LEU B 37 -6.68 17.05 6.00
CA LEU B 37 -7.75 16.15 6.40
C LEU B 37 -7.50 15.63 7.80
N LYS B 38 -8.49 15.81 8.68
CA LYS B 38 -8.44 15.31 10.05
C LYS B 38 -9.71 14.53 10.33
N VAL B 39 -9.56 13.35 10.93
CA VAL B 39 -10.69 12.48 11.23
C VAL B 39 -10.59 12.01 12.67
N ASN B 40 -11.74 11.94 13.35
CA ASN B 40 -11.86 11.30 14.64
C ASN B 40 -12.42 9.90 14.43
N VAL B 41 -11.79 8.91 15.08
CA VAL B 41 -12.17 7.52 14.90
C VAL B 41 -12.44 6.90 16.27
N SER B 42 -13.53 6.13 16.35
CA SER B 42 -13.86 5.36 17.54
C SER B 42 -14.41 4.02 17.10
N GLY B 43 -14.45 3.08 18.05
CA GLY B 43 -15.00 1.77 17.79
C GLY B 43 -14.01 0.74 17.26
N LEU B 44 -12.75 1.11 17.09
CA LEU B 44 -11.74 0.12 16.71
C LEU B 44 -11.37 -0.73 17.92
N ASP B 45 -10.76 -1.87 17.63
CA ASP B 45 -10.15 -2.67 18.70
C ASP B 45 -8.89 -1.94 19.15
N PRO B 46 -8.85 -1.39 20.36
CA PRO B 46 -7.65 -0.64 20.78
C PRO B 46 -6.39 -1.49 20.81
N ASN B 47 -6.52 -2.81 20.78
CA ASN B 47 -5.39 -3.71 20.86
C ASN B 47 -4.95 -4.25 19.50
N ALA B 48 -5.73 -4.04 18.44
CA ALA B 48 -5.39 -4.53 17.12
C ALA B 48 -4.52 -3.52 16.39
N MET B 49 -3.72 -4.02 15.45
CA MET B 49 -2.82 -3.19 14.65
C MET B 49 -3.49 -2.82 13.34
N TYR B 50 -3.50 -1.52 13.02
CA TYR B 50 -4.14 -1.02 11.82
C TYR B 50 -3.18 -0.12 11.04
N SER B 51 -3.46 -0.01 9.76
CA SER B 51 -2.85 0.98 8.87
C SER B 51 -3.95 1.85 8.28
N PHE B 52 -3.68 3.15 8.22
CA PHE B 52 -4.59 4.14 7.67
C PHE B 52 -4.07 4.56 6.30
N LEU B 53 -4.86 4.29 5.26
CA LEU B 53 -4.50 4.60 3.89
C LEU B 53 -5.42 5.70 3.36
N LEU B 54 -4.93 6.47 2.40
CA LEU B 54 -5.69 7.56 1.82
C LEU B 54 -5.52 7.55 0.32
N ASP B 55 -6.63 7.58 -0.41
CA ASP B 55 -6.58 7.84 -1.85
C ASP B 55 -7.64 8.87 -2.21
N PHE B 56 -7.82 9.13 -3.51
CA PHE B 56 -8.73 10.15 -3.97
C PHE B 56 -9.58 9.58 -5.09
N VAL B 57 -10.90 9.74 -4.96
CA VAL B 57 -11.84 9.24 -5.97
C VAL B 57 -12.54 10.44 -6.60
N ALA B 58 -12.86 10.30 -7.88
CA ALA B 58 -13.60 11.36 -8.57
C ALA B 58 -14.98 11.50 -7.95
N ALA B 59 -15.32 12.72 -7.50
CA ALA B 59 -16.68 12.97 -7.02
C ALA B 59 -17.69 12.88 -8.15
N ASP B 60 -17.28 13.20 -9.37
CA ASP B 60 -18.05 12.98 -10.58
C ASP B 60 -17.07 12.92 -11.73
N ASN B 61 -17.59 12.59 -12.92
CA ASN B 61 -16.75 12.34 -14.08
C ASN B 61 -16.71 13.51 -15.07
N HIS B 62 -17.17 14.69 -14.67
CA HIS B 62 -17.19 15.85 -15.54
C HIS B 62 -15.92 16.67 -15.40
N ARG B 63 -15.53 17.33 -16.48
CA ARG B 63 -14.59 18.43 -16.38
C ARG B 63 -15.32 19.67 -15.87
N TRP B 64 -14.57 20.57 -15.23
CA TRP B 64 -15.17 21.73 -14.60
C TRP B 64 -14.50 23.00 -15.09
N LYS B 65 -15.31 24.05 -15.29
CA LYS B 65 -14.86 25.34 -15.78
C LYS B 65 -15.32 26.43 -14.83
N TYR B 66 -14.42 27.36 -14.52
CA TYR B 66 -14.72 28.45 -13.60
C TYR B 66 -15.38 29.59 -14.36
N VAL B 67 -16.56 30.01 -13.91
CA VAL B 67 -17.29 31.13 -14.50
C VAL B 67 -17.82 31.97 -13.35
N ASN B 68 -17.24 33.17 -13.18
CA ASN B 68 -17.68 34.17 -12.20
C ASN B 68 -18.05 33.57 -10.85
N GLY B 69 -17.05 33.08 -10.11
CA GLY B 69 -17.28 32.55 -8.79
C GLY B 69 -17.93 31.19 -8.72
N GLU B 70 -18.45 30.67 -9.83
CA GLU B 70 -19.21 29.42 -9.83
C GLU B 70 -18.53 28.41 -10.74
N TRP B 71 -18.37 27.18 -10.24
CA TRP B 71 -17.75 26.11 -11.02
C TRP B 71 -18.85 25.34 -11.74
N VAL B 72 -18.74 25.26 -13.07
CA VAL B 72 -19.77 24.71 -13.94
C VAL B 72 -19.25 23.42 -14.52
N PRO B 73 -20.04 22.33 -14.50
CA PRO B 73 -19.60 21.09 -15.13
C PRO B 73 -19.89 21.09 -16.63
N GLY B 74 -18.91 20.65 -17.40
CA GLY B 74 -19.01 20.56 -18.85
C GLY B 74 -19.30 19.14 -19.28
N GLY B 75 -20.19 19.01 -20.27
CA GLY B 75 -20.64 17.70 -20.71
C GLY B 75 -19.51 16.83 -21.24
N LYS B 76 -19.89 15.60 -21.60
CA LYS B 76 -19.04 14.49 -22.01
C LYS B 76 -18.29 13.95 -20.80
N PRO B 77 -18.97 13.23 -19.92
CA PRO B 77 -18.29 12.67 -18.74
C PRO B 77 -17.39 11.51 -19.13
N GLU B 78 -16.27 11.40 -18.41
CA GLU B 78 -15.29 10.34 -18.66
C GLU B 78 -14.74 9.85 -17.33
N PRO B 79 -14.65 8.54 -17.13
CA PRO B 79 -14.08 8.02 -15.88
C PRO B 79 -12.62 8.40 -15.75
N GLN B 80 -12.16 8.49 -14.52
CA GLN B 80 -10.79 8.87 -14.21
C GLN B 80 -9.99 7.66 -13.72
N ALA B 81 -8.67 7.76 -13.86
CA ALA B 81 -7.79 6.70 -13.42
C ALA B 81 -7.84 6.57 -11.90
N PRO B 82 -7.60 5.38 -11.38
CA PRO B 82 -7.48 5.23 -9.91
C PRO B 82 -6.23 5.93 -9.41
N SER B 83 -6.38 6.62 -8.28
CA SER B 83 -5.27 7.36 -7.72
C SER B 83 -4.34 6.44 -6.94
N CYS B 84 -3.10 6.91 -6.77
CA CYS B 84 -2.15 6.20 -5.92
C CYS B 84 -2.61 6.25 -4.47
N VAL B 85 -2.12 5.29 -3.68
CA VAL B 85 -2.54 5.14 -2.29
C VAL B 85 -1.46 5.70 -1.38
N TYR B 86 -1.84 6.59 -0.47
CA TYR B 86 -0.94 7.16 0.52
C TYR B 86 -1.14 6.45 1.85
N ILE B 87 -0.04 6.17 2.53
CA ILE B 87 -0.07 5.51 3.85
C ILE B 87 0.31 6.53 4.91
N HIS B 88 -0.48 6.60 5.97
CA HIS B 88 -0.18 7.52 7.06
C HIS B 88 1.15 7.12 7.70
N PRO B 89 2.04 8.08 7.98
CA PRO B 89 3.36 7.73 8.52
C PRO B 89 3.32 7.06 9.89
N ASP B 90 2.22 7.16 10.62
CA ASP B 90 2.10 6.46 11.90
C ASP B 90 1.84 4.97 11.72
N SER B 91 1.56 4.51 10.50
CA SER B 91 1.22 3.12 10.24
C SER B 91 2.48 2.26 10.20
N PRO B 92 2.42 1.00 10.68
CA PRO B 92 1.24 0.45 11.34
C PRO B 92 1.23 0.78 12.83
N ASN B 93 0.05 0.85 13.43
CA ASN B 93 -0.05 1.19 14.84
C ASN B 93 -1.31 0.58 15.43
N PHE B 94 -1.36 0.55 16.77
CA PHE B 94 -2.49 -0.02 17.46
C PHE B 94 -3.69 0.91 17.42
N GLY B 95 -4.88 0.32 17.52
CA GLY B 95 -6.10 1.12 17.50
C GLY B 95 -6.16 2.17 18.58
N ALA B 96 -5.54 1.90 19.73
CA ALA B 96 -5.49 2.90 20.79
C ALA B 96 -4.75 4.15 20.34
N HIS B 97 -3.69 3.97 19.55
CA HIS B 97 -2.97 5.13 19.02
C HIS B 97 -3.83 5.92 18.04
N TRP B 98 -4.55 5.23 17.16
CA TRP B 98 -5.39 5.91 16.18
C TRP B 98 -6.56 6.62 16.83
N MET B 99 -7.07 6.10 17.95
CA MET B 99 -8.28 6.62 18.55
C MET B 99 -8.03 7.72 19.58
N LYS B 100 -6.79 7.91 20.04
CA LYS B 100 -6.53 8.83 21.13
C LYS B 100 -6.45 10.29 20.70
N ALA B 101 -6.35 10.57 19.40
CA ALA B 101 -6.23 11.94 18.92
C ALA B 101 -6.67 11.97 17.46
N PRO B 102 -7.04 13.15 16.95
CA PRO B 102 -7.40 13.24 15.53
C PRO B 102 -6.26 12.77 14.63
N VAL B 103 -6.62 12.00 13.62
CA VAL B 103 -5.65 11.48 12.65
C VAL B 103 -5.59 12.47 11.49
N SER B 104 -4.44 13.12 11.31
CA SER B 104 -4.29 14.14 10.30
C SER B 104 -3.38 13.65 9.18
N PHE B 105 -3.67 14.10 7.95
CA PHE B 105 -2.87 13.71 6.80
C PHE B 105 -2.19 14.93 6.19
N SER B 106 -1.28 15.56 6.95
CA SER B 106 -0.70 16.84 6.55
C SER B 106 0.46 16.69 5.57
N LYS B 107 0.92 15.48 5.28
CA LYS B 107 2.11 15.28 4.47
C LYS B 107 1.81 14.67 3.11
N VAL B 108 0.55 14.51 2.74
CA VAL B 108 0.21 14.00 1.42
C VAL B 108 0.36 15.10 0.39
N LYS B 109 1.14 14.84 -0.65
CA LYS B 109 1.46 15.83 -1.66
C LYS B 109 0.73 15.51 -2.95
N LEU B 110 0.12 16.52 -3.55
CA LEU B 110 -0.68 16.36 -4.76
C LEU B 110 0.05 16.96 -5.94
N THR B 111 0.03 16.24 -7.07
CA THR B 111 0.74 16.66 -8.27
C THR B 111 -0.13 16.43 -9.49
N ASN B 112 0.23 17.10 -10.58
CA ASN B 112 -0.48 16.96 -11.85
C ASN B 112 0.28 16.10 -12.85
N LYS B 113 1.51 15.70 -12.55
CA LYS B 113 2.33 14.93 -13.48
C LYS B 113 2.54 13.51 -12.97
N LEU B 114 3.14 12.69 -13.83
CA LEU B 114 3.20 11.25 -13.61
C LEU B 114 3.93 10.92 -12.31
N ASN B 115 3.60 9.76 -11.75
CA ASN B 115 4.21 9.28 -10.52
C ASN B 115 5.71 9.10 -10.71
N GLY B 116 6.47 9.39 -9.66
CA GLY B 116 5.93 9.85 -8.39
C GLY B 116 6.64 9.25 -7.20
N GLY B 117 7.05 10.10 -6.26
CA GLY B 117 7.69 9.64 -5.05
C GLY B 117 6.81 9.83 -3.83
N GLY B 118 5.76 9.03 -3.72
CA GLY B 118 4.74 9.23 -2.71
C GLY B 118 3.72 10.29 -3.07
N GLN B 119 3.98 11.10 -4.10
CA GLN B 119 3.01 12.08 -4.56
C GLN B 119 1.80 11.38 -5.15
N ILE B 120 0.64 12.01 -5.00
CA ILE B 120 -0.61 11.52 -5.56
C ILE B 120 -0.95 12.38 -6.77
N MET B 121 -1.03 11.74 -7.94
CA MET B 121 -1.31 12.44 -9.18
C MET B 121 -2.82 12.58 -9.39
N LEU B 122 -3.26 13.80 -9.68
CA LEU B 122 -4.65 14.08 -9.95
C LEU B 122 -4.78 14.79 -11.29
N ASN B 123 -5.97 14.67 -11.89
CA ASN B 123 -6.27 15.30 -13.16
C ASN B 123 -6.84 16.69 -12.92
N SER B 124 -6.24 17.70 -13.55
CA SER B 124 -6.66 19.08 -13.34
C SER B 124 -8.07 19.32 -13.86
N LEU B 125 -8.76 20.25 -13.21
CA LEU B 125 -10.13 20.65 -13.55
C LEU B 125 -11.15 19.54 -13.34
N HIS B 126 -10.83 18.57 -12.48
CA HIS B 126 -11.77 17.53 -12.09
C HIS B 126 -11.99 17.60 -10.58
N LYS B 127 -13.18 17.19 -10.15
CA LYS B 127 -13.55 17.25 -8.74
C LYS B 127 -13.26 15.92 -8.07
N TYR B 128 -12.57 15.98 -6.93
CA TYR B 128 -12.13 14.79 -6.21
C TYR B 128 -12.64 14.81 -4.77
N GLU B 129 -12.52 13.65 -4.14
CA GLU B 129 -13.05 13.36 -2.83
C GLU B 129 -12.02 12.48 -2.13
N PRO B 130 -11.55 12.86 -0.95
CA PRO B 130 -10.63 11.98 -0.21
C PRO B 130 -11.36 10.76 0.31
N ARG B 131 -10.67 9.62 0.29
CA ARG B 131 -11.22 8.36 0.77
C ARG B 131 -10.19 7.68 1.66
N ILE B 132 -10.60 7.35 2.88
CA ILE B 132 -9.73 6.72 3.86
C ILE B 132 -10.07 5.24 3.95
N HIS B 133 -9.03 4.41 3.95
CA HIS B 133 -9.16 2.98 4.20
C HIS B 133 -8.54 2.67 5.56
N ILE B 134 -9.33 2.10 6.45
CA ILE B 134 -8.80 1.52 7.68
C ILE B 134 -8.63 0.03 7.43
N VAL B 135 -7.39 -0.45 7.53
CA VAL B 135 -7.05 -1.83 7.20
C VAL B 135 -6.37 -2.47 8.40
N ARG B 136 -6.87 -3.61 8.83
CA ARG B 136 -6.20 -4.36 9.90
C ARG B 136 -5.02 -5.11 9.29
N VAL B 137 -3.84 -4.91 9.85
CA VAL B 137 -2.64 -5.58 9.38
C VAL B 137 -2.18 -6.56 10.46
N GLY B 138 -1.37 -7.53 10.03
CA GLY B 138 -0.82 -8.48 10.98
C GLY B 138 -1.69 -9.69 11.25
N ASP B 139 -2.25 -9.74 12.47
CA ASP B 139 -2.90 -10.95 13.00
C ASP B 139 -4.00 -11.45 12.07
N PRO B 140 -5.17 -10.77 11.90
CA PRO B 140 -5.94 -11.00 10.68
C PRO B 140 -5.89 -9.79 9.77
N GLN B 141 -5.49 -9.98 8.51
CA GLN B 141 -5.43 -8.88 7.56
C GLN B 141 -6.80 -8.71 6.91
N ARG B 142 -7.42 -7.55 7.15
CA ARG B 142 -8.77 -7.29 6.72
C ARG B 142 -8.88 -5.85 6.24
N MET B 143 -9.70 -5.62 5.21
CA MET B 143 -10.12 -4.28 4.85
C MET B 143 -11.27 -3.90 5.77
N ILE B 144 -10.97 -3.18 6.85
CA ILE B 144 -11.98 -2.89 7.85
C ILE B 144 -13.02 -1.92 7.32
N THR B 145 -12.58 -0.80 6.75
CA THR B 145 -13.56 0.16 6.26
C THR B 145 -12.96 1.03 5.17
N SER B 146 -13.84 1.53 4.31
CA SER B 146 -13.54 2.56 3.31
C SER B 146 -14.56 3.66 3.47
N HIS B 147 -14.11 4.91 3.52
CA HIS B 147 -14.98 6.03 3.85
C HIS B 147 -14.61 7.23 3.00
N CYS B 148 -15.56 7.71 2.20
CA CYS B 148 -15.41 8.97 1.48
C CYS B 148 -16.03 10.11 2.27
N PHE B 149 -15.44 11.29 2.12
CA PHE B 149 -15.88 12.49 2.84
C PHE B 149 -16.34 13.53 1.84
N PRO B 150 -17.62 13.52 1.47
CA PRO B 150 -18.14 14.53 0.51
C PRO B 150 -18.12 15.94 1.06
N GLU B 151 -17.86 16.12 2.36
CA GLU B 151 -17.76 17.46 2.91
C GLU B 151 -16.44 18.15 2.57
N THR B 152 -15.47 17.41 2.02
CA THR B 152 -14.16 17.94 1.66
C THR B 152 -13.88 17.74 0.17
N GLN B 153 -14.90 17.87 -0.68
CA GLN B 153 -14.66 17.82 -2.11
C GLN B 153 -13.81 19.01 -2.54
N PHE B 154 -13.09 18.83 -3.64
CA PHE B 154 -12.27 19.91 -4.19
C PHE B 154 -12.08 19.67 -5.68
N ILE B 155 -11.80 20.75 -6.39
CA ILE B 155 -11.45 20.69 -7.80
C ILE B 155 -9.94 20.91 -7.90
N ALA B 156 -9.25 19.96 -8.53
CA ALA B 156 -7.81 20.07 -8.71
C ALA B 156 -7.49 21.14 -9.75
N VAL B 157 -6.68 22.13 -9.35
CA VAL B 157 -6.30 23.22 -10.23
C VAL B 157 -4.80 23.40 -10.20
N THR B 158 -4.24 23.90 -11.30
CA THR B 158 -2.84 24.31 -11.33
C THR B 158 -2.64 25.75 -10.87
N ALA B 159 -3.72 26.54 -10.83
CA ALA B 159 -3.67 27.90 -10.32
C ALA B 159 -5.05 28.24 -9.78
N TYR B 160 -5.09 28.96 -8.66
CA TYR B 160 -6.36 29.35 -8.06
C TYR B 160 -7.14 30.24 -9.01
N GLN B 161 -8.45 30.01 -9.08
CA GLN B 161 -9.35 30.82 -9.91
C GLN B 161 -10.12 31.85 -9.09
N ASN B 162 -10.71 31.42 -7.97
CA ASN B 162 -11.40 32.34 -7.08
C ASN B 162 -10.38 33.01 -6.16
N GLU B 163 -10.28 34.34 -6.25
CA GLU B 163 -9.29 35.06 -5.45
C GLU B 163 -9.63 35.01 -3.96
N GLU B 164 -10.92 34.90 -3.62
CA GLU B 164 -11.29 34.68 -2.22
C GLU B 164 -10.75 33.34 -1.73
N ILE B 165 -10.75 32.33 -2.59
CA ILE B 165 -10.15 31.04 -2.23
C ILE B 165 -8.65 31.18 -2.03
N THR B 166 -7.99 31.98 -2.88
CA THR B 166 -6.56 32.25 -2.69
C THR B 166 -6.31 32.88 -1.33
N ALA B 167 -7.11 33.90 -0.99
CA ALA B 167 -6.94 34.59 0.28
C ALA B 167 -7.19 33.66 1.45
N LEU B 168 -8.18 32.78 1.35
CA LEU B 168 -8.45 31.83 2.42
C LEU B 168 -7.33 30.80 2.54
N LYS B 169 -6.81 30.34 1.40
CA LYS B 169 -5.78 29.30 1.40
C LYS B 169 -4.49 29.80 1.98
N ILE B 170 -4.13 31.08 1.75
CA ILE B 170 -2.87 31.58 2.27
C ILE B 170 -2.89 31.56 3.80
N LYS B 171 -4.07 31.54 4.43
CA LYS B 171 -4.18 31.38 5.88
C LYS B 171 -3.66 30.02 6.32
N TYR B 172 -3.96 28.98 5.57
CA TYR B 172 -3.59 27.62 5.91
C TYR B 172 -2.26 27.18 5.31
N ASN B 173 -1.66 28.00 4.46
CA ASN B 173 -0.43 27.62 3.78
C ASN B 173 0.72 27.52 4.76
N PRO B 174 1.33 26.35 4.93
CA PRO B 174 2.46 26.23 5.88
C PRO B 174 3.73 26.93 5.42
N PHE B 175 3.77 27.45 4.19
CA PHE B 175 4.93 28.15 3.68
C PHE B 175 4.81 29.67 3.76
N ALA B 176 3.63 30.21 4.11
CA ALA B 176 3.37 31.64 4.05
C ALA B 176 3.91 32.36 5.29
C02 Y3T C . -0.87 -1.61 3.03
C03 Y3T C . 0.01 -0.49 2.47
C04 Y3T C . 1.35 -0.42 2.81
C05 Y3T C . 2.13 0.61 2.30
C06 Y3T C . 1.57 1.55 1.45
C07 Y3T C . 0.23 1.47 1.10
C12 Y3T C . -2.78 -3.22 2.48
C13 Y3T C . -3.95 -3.28 1.75
C14 Y3T C . -4.89 -4.25 2.01
C15 Y3T C . -4.66 -5.17 3.02
C16 Y3T C . -3.49 -5.12 3.75
C17 Y3T C . -2.54 -4.15 3.48
C20 Y3T C . 1.75 3.42 0.03
C21 Y3T C . 4.34 -0.19 3.42
C22 Y3T C . 5.80 0.14 3.65
C24 Y3T C . 7.54 0.14 5.51
C27 Y3T C . 8.10 1.98 6.89
O25 Y3T C . 3.88 -1.18 3.89
C08 Y3T C . -0.55 0.45 1.62
C23 Y3T C . 6.40 -0.63 4.83
C28 Y3T C . 6.37 0.49 7.55
F18 Y3T C . -5.58 -6.14 3.30
N01 Y3T C . 3.55 0.74 2.61
N11 Y3T C . -1.85 -2.17 2.14
N26 Y3T C . 7.01 1.14 6.42
O09 Y3T C . 2.39 2.57 0.94
O10 Y3T C . -0.72 -1.99 4.13
CL19 Y3T C . -6.38 -4.27 1.04
C02 Y3T D . -2.36 -0.83 -1.56
C03 Y3T D . -0.88 -0.47 -1.74
C04 Y3T D . -0.47 0.60 -2.52
C05 Y3T D . 0.88 0.90 -2.65
C06 Y3T D . 1.82 0.12 -1.99
C07 Y3T D . 1.42 -0.95 -1.20
C12 Y3T D . -4.78 -0.55 -2.19
C13 Y3T D . -5.34 -0.56 -0.92
C14 Y3T D . -6.68 -0.87 -0.75
C15 Y3T D . -7.46 -1.16 -1.86
C16 Y3T D . -6.91 -1.14 -3.13
C17 Y3T D . -5.57 -0.83 -3.29
C20 Y3T D . 3.97 0.06 -1.01
C21 Y3T D . 0.64 2.92 -4.28
C22 Y3T D . 1.42 3.99 -5.04
C24 Y3T D . 1.53 5.01 -7.35
C27 Y3T D . 2.84 4.21 -9.17
O25 Y3T D . -0.54 2.87 -4.38
C08 Y3T D . 0.07 -1.24 -1.08
C23 Y3T D . 0.63 4.60 -6.20
C28 Y3T D . 0.60 3.50 -8.93
F18 Y3T D . -8.78 -1.47 -1.69
N01 Y3T D . 1.40 2.00 -3.46
N11 Y3T D . -3.38 -0.21 -2.37
N26 Y3T D . 1.81 3.87 -8.22
O09 Y3T D . 3.18 0.42 -2.12
O10 Y3T D . -2.64 -1.61 -0.72
CL19 Y3T D . -7.41 -0.91 0.87
#